data_3WI3
#
_entry.id   3WI3
#
_cell.length_a   65.264
_cell.length_b   92.820
_cell.length_c   160.870
_cell.angle_alpha   90.000
_cell.angle_beta   90.000
_cell.angle_gamma   90.000
#
_symmetry.space_group_name_H-M   'P 21 21 21'
#
loop_
_entity.id
_entity.type
_entity.pdbx_description
1 polymer 'DNA replication regulator SLD3'
2 non-polymer 'SULFATE ION'
3 non-polymer 1,2-ETHANEDIOL
4 water water
#
_entity_poly.entity_id   1
_entity_poly.type   'polypeptide(L)'
_entity_poly.pdbx_seq_one_letter_code
;MSKINDYYSDPKEYIESKYYDALFSIHTPLAYFVKSNLVRLKNTCRTKYGSDSYKIAYQAMLQKFLLSIVQFKDRHDNRL
LLEPFSSPIADEKRKNCLTKFVIQDENKNSSTIADLCVVLKSREIKLQILLLLEIIGLNDLDWNFRDFEKKYKLKLKKRS
LNLTKKGLVRRRSKKKTSEKDKGIERITTSLDYCEQLDLYLDRACILDILLSSETPNPDAIEASNGTIQEHKKNILDKSK
EASLVGFINYVLIPYFNKKVPHAVEFIIQKLKGPSMRPKRALKKLEHHHHHH
;
_entity_poly.pdbx_strand_id   A,B,C
#
# COMPACT_ATOMS: atom_id res chain seq x y z
N TYR A 8 -38.21 -29.86 -11.45
CA TYR A 8 -37.11 -30.81 -11.87
C TYR A 8 -36.78 -31.77 -10.75
N SER A 9 -37.22 -33.01 -10.88
CA SER A 9 -36.97 -33.98 -9.84
C SER A 9 -35.47 -34.30 -9.79
N ASP A 10 -34.86 -34.53 -10.96
CA ASP A 10 -33.47 -34.99 -10.99
C ASP A 10 -32.56 -33.84 -10.59
N PRO A 11 -31.78 -34.01 -9.51
CA PRO A 11 -30.93 -32.89 -9.06
C PRO A 11 -29.98 -32.32 -10.13
N LYS A 12 -29.41 -33.17 -10.97
CA LYS A 12 -28.54 -32.66 -12.02
C LYS A 12 -29.31 -31.71 -12.99
N GLU A 13 -30.52 -32.07 -13.31
CA GLU A 13 -31.33 -31.23 -14.16
C GLU A 13 -31.75 -29.96 -13.43
N TYR A 14 -32.01 -30.07 -12.15
CA TYR A 14 -32.38 -28.92 -11.34
C TYR A 14 -31.25 -27.84 -11.39
N ILE A 15 -30.04 -28.22 -11.06
CA ILE A 15 -28.96 -27.26 -11.00
C ILE A 15 -28.62 -26.72 -12.41
N GLU A 16 -28.63 -27.54 -13.45
CA GLU A 16 -28.46 -27.05 -14.82
C GLU A 16 -29.48 -25.95 -15.11
N SER A 17 -30.71 -26.25 -14.75
CA SER A 17 -31.81 -25.29 -14.88
C SER A 17 -31.59 -24.05 -14.11
N LYS A 18 -31.09 -24.16 -12.89
CA LYS A 18 -30.93 -22.95 -12.07
C LYS A 18 -29.68 -22.14 -12.44
N TYR A 19 -28.61 -22.83 -12.79
CA TYR A 19 -27.42 -22.12 -13.20
C TYR A 19 -27.72 -21.25 -14.45
N TYR A 20 -28.29 -21.87 -15.47
CA TYR A 20 -28.65 -21.15 -16.68
C TYR A 20 -29.79 -20.12 -16.55
N ASP A 21 -30.71 -20.33 -15.64
CA ASP A 21 -31.76 -19.35 -15.34
C ASP A 21 -31.03 -18.22 -14.72
N ALA A 22 -30.14 -18.51 -13.77
CA ALA A 22 -29.41 -17.39 -13.14
C ALA A 22 -28.61 -16.56 -14.14
N LEU A 23 -27.90 -17.25 -15.02
CA LEU A 23 -27.09 -16.54 -15.98
C LEU A 23 -27.93 -15.74 -16.95
N PHE A 24 -28.84 -16.38 -17.66
CA PHE A 24 -29.56 -15.76 -18.76
C PHE A 24 -30.70 -14.87 -18.34
N SER A 25 -31.11 -15.03 -17.12
CA SER A 25 -32.23 -14.29 -16.63
C SER A 25 -31.69 -13.16 -15.82
N ILE A 26 -31.40 -12.09 -16.53
CA ILE A 26 -30.47 -11.03 -16.13
C ILE A 26 -31.04 -10.03 -15.13
N HIS A 27 -32.35 -9.90 -15.11
CA HIS A 27 -33.09 -9.00 -14.19
C HIS A 27 -33.23 -9.69 -12.80
N THR A 28 -32.83 -10.96 -12.68
CA THR A 28 -33.00 -11.76 -11.45
C THR A 28 -31.82 -11.68 -10.49
N PRO A 29 -32.08 -11.42 -9.21
CA PRO A 29 -30.93 -11.33 -8.32
C PRO A 29 -30.19 -12.64 -8.14
N LEU A 30 -28.87 -12.57 -8.11
CA LEU A 30 -28.06 -13.72 -7.71
C LEU A 30 -28.29 -14.22 -6.29
N ALA A 31 -28.72 -13.32 -5.42
CA ALA A 31 -29.17 -13.76 -4.10
C ALA A 31 -30.19 -14.91 -4.11
N TYR A 32 -31.03 -14.99 -5.14
CA TYR A 32 -32.03 -16.10 -5.25
C TYR A 32 -31.29 -17.42 -5.62
N PHE A 33 -30.34 -17.35 -6.55
CA PHE A 33 -29.52 -18.51 -6.85
C PHE A 33 -28.88 -19.02 -5.57
N VAL A 34 -28.40 -18.15 -4.71
CA VAL A 34 -27.65 -18.61 -3.60
C VAL A 34 -28.52 -19.09 -2.48
N LYS A 35 -29.46 -18.27 -2.05
CA LYS A 35 -30.26 -18.58 -0.85
C LYS A 35 -31.36 -19.59 -1.10
N SER A 36 -31.75 -19.73 -2.34
CA SER A 36 -32.79 -20.64 -2.68
C SER A 36 -32.27 -21.81 -3.49
N ASN A 37 -31.69 -21.59 -4.64
CA ASN A 37 -31.30 -22.75 -5.48
C ASN A 37 -30.17 -23.63 -4.90
N LEU A 38 -29.12 -23.01 -4.44
CA LEU A 38 -28.01 -23.78 -3.94
C LEU A 38 -28.39 -24.52 -2.68
N VAL A 39 -29.16 -23.85 -1.81
CA VAL A 39 -29.61 -24.45 -0.57
C VAL A 39 -30.45 -25.69 -0.89
N ARG A 40 -31.46 -25.56 -1.76
CA ARG A 40 -32.30 -26.72 -2.07
C ARG A 40 -31.47 -27.87 -2.63
N LEU A 41 -30.49 -27.56 -3.46
CA LEU A 41 -29.68 -28.63 -4.08
C LEU A 41 -28.91 -29.34 -2.99
N LYS A 42 -28.42 -28.58 -2.05
CA LYS A 42 -27.57 -29.11 -1.00
C LYS A 42 -28.42 -30.03 -0.13
N ASN A 43 -29.61 -29.58 0.24
CA ASN A 43 -30.58 -30.41 0.97
C ASN A 43 -30.85 -31.72 0.32
N THR A 44 -31.12 -31.69 -0.96
CA THR A 44 -31.40 -32.91 -1.71
C THR A 44 -30.20 -33.85 -1.67
N CYS A 45 -28.99 -33.31 -1.75
CA CYS A 45 -27.83 -34.19 -1.67
C CYS A 45 -27.67 -34.72 -0.25
N ARG A 46 -27.93 -33.88 0.74
CA ARG A 46 -27.86 -34.31 2.12
C ARG A 46 -28.74 -35.56 2.32
N THR A 47 -29.98 -35.48 1.88
CA THR A 47 -30.96 -36.57 1.96
C THR A 47 -30.63 -37.79 1.13
N LYS A 48 -30.17 -37.60 -0.08
CA LYS A 48 -29.90 -38.68 -0.99
C LYS A 48 -28.61 -39.41 -0.61
N TYR A 49 -27.54 -38.68 -0.33
CA TYR A 49 -26.23 -39.29 -0.14
C TYR A 49 -25.87 -39.45 1.33
N GLY A 50 -26.57 -38.78 2.23
CA GLY A 50 -26.32 -38.95 3.66
C GLY A 50 -25.47 -37.83 4.17
N SER A 51 -25.53 -37.55 5.45
CA SER A 51 -24.71 -36.49 6.03
C SER A 51 -23.20 -36.81 6.03
N ASP A 52 -22.85 -38.06 5.92
CA ASP A 52 -21.45 -38.40 5.93
C ASP A 52 -20.70 -37.89 4.77
N SER A 53 -21.26 -38.12 3.60
CA SER A 53 -20.57 -37.99 2.35
C SER A 53 -21.23 -37.10 1.25
N TYR A 54 -22.24 -36.31 1.60
CA TYR A 54 -22.96 -35.47 0.60
C TYR A 54 -22.15 -34.31 0.09
N LYS A 55 -21.25 -33.80 0.90
CA LYS A 55 -20.42 -32.67 0.46
C LYS A 55 -19.70 -33.00 -0.83
N ILE A 56 -19.26 -34.22 -0.98
CA ILE A 56 -18.56 -34.62 -2.15
C ILE A 56 -19.44 -34.62 -3.35
N ALA A 57 -20.61 -35.24 -3.26
CA ALA A 57 -21.53 -35.22 -4.41
C ALA A 57 -22.03 -33.82 -4.72
N TYR A 58 -22.28 -33.00 -3.71
CA TYR A 58 -22.76 -31.63 -3.93
C TYR A 58 -21.70 -30.87 -4.72
N GLN A 59 -20.46 -30.98 -4.26
CA GLN A 59 -19.35 -30.38 -4.93
C GLN A 59 -19.26 -30.83 -6.37
N ALA A 60 -19.42 -32.12 -6.64
CA ALA A 60 -19.33 -32.59 -8.02
C ALA A 60 -20.40 -32.00 -8.90
N MET A 61 -21.56 -31.80 -8.34
CA MET A 61 -22.63 -31.25 -9.13
C MET A 61 -22.35 -29.80 -9.48
N LEU A 62 -21.81 -29.01 -8.53
CA LEU A 62 -21.43 -27.60 -8.78
C LEU A 62 -20.27 -27.45 -9.78
N GLN A 63 -19.27 -28.31 -9.61
CA GLN A 63 -18.05 -28.27 -10.35
C GLN A 63 -18.35 -28.48 -11.85
N LYS A 64 -19.44 -29.13 -12.18
CA LYS A 64 -19.78 -29.27 -13.54
C LYS A 64 -19.86 -27.91 -14.28
N PHE A 65 -20.32 -26.85 -13.59
CA PHE A 65 -20.56 -25.57 -14.21
C PHE A 65 -19.35 -24.65 -14.06
N LEU A 66 -18.30 -25.15 -13.39
CA LEU A 66 -17.10 -24.37 -13.13
C LEU A 66 -16.28 -24.37 -14.35
N LEU A 67 -15.77 -23.22 -14.73
CA LEU A 67 -15.12 -23.04 -16.01
C LEU A 67 -13.68 -22.75 -15.72
N SER A 68 -12.76 -23.51 -16.30
CA SER A 68 -11.39 -23.13 -16.23
C SER A 68 -11.26 -21.73 -16.90
N ILE A 69 -10.30 -20.93 -16.45
CA ILE A 69 -9.96 -19.66 -17.10
C ILE A 69 -9.80 -19.86 -18.65
N VAL A 70 -9.23 -20.96 -19.13
CA VAL A 70 -9.11 -21.14 -20.59
C VAL A 70 -10.48 -21.35 -21.23
N GLN A 71 -11.36 -22.11 -20.56
CA GLN A 71 -12.67 -22.38 -21.12
C GLN A 71 -13.56 -21.14 -21.09
N PHE A 72 -13.37 -20.33 -20.06
CA PHE A 72 -14.11 -19.08 -19.88
C PHE A 72 -13.82 -18.09 -21.00
N LYS A 73 -12.53 -17.95 -21.30
CA LYS A 73 -12.01 -17.09 -22.41
C LYS A 73 -12.57 -17.52 -23.75
N ASP A 74 -12.65 -18.79 -23.98
CA ASP A 74 -13.22 -19.23 -25.22
C ASP A 74 -14.74 -18.93 -25.27
N ARG A 75 -15.47 -19.28 -24.17
CA ARG A 75 -16.90 -19.09 -24.06
C ARG A 75 -17.24 -17.65 -24.35
N HIS A 76 -16.45 -16.76 -23.82
CA HIS A 76 -16.75 -15.33 -23.92
C HIS A 76 -16.13 -14.54 -25.08
N ASP A 77 -14.90 -14.79 -25.43
CA ASP A 77 -14.31 -14.08 -26.58
C ASP A 77 -15.01 -14.46 -27.86
N ASN A 78 -15.48 -15.71 -27.94
CA ASN A 78 -16.11 -16.20 -29.18
C ASN A 78 -17.64 -16.20 -29.09
N ARG A 79 -18.19 -15.62 -28.00
CA ARG A 79 -19.63 -15.44 -27.85
C ARG A 79 -20.42 -16.72 -27.97
N LEU A 80 -19.96 -17.73 -27.23
CA LEU A 80 -20.54 -19.05 -27.34
C LEU A 80 -21.92 -19.10 -26.73
N LEU A 81 -22.19 -18.14 -25.89
CA LEU A 81 -23.44 -18.07 -25.22
C LEU A 81 -24.58 -17.72 -26.19
N LEU A 82 -24.28 -17.23 -27.36
CA LEU A 82 -25.28 -16.98 -28.42
C LEU A 82 -25.71 -18.24 -29.16
N GLU A 83 -24.93 -19.34 -28.99
CA GLU A 83 -25.07 -20.51 -29.83
C GLU A 83 -25.93 -21.55 -29.16
N PRO A 84 -26.67 -22.39 -29.96
CA PRO A 84 -27.50 -23.42 -29.33
C PRO A 84 -26.70 -24.32 -28.39
N PHE A 85 -27.25 -24.62 -27.23
CA PHE A 85 -26.71 -25.62 -26.31
C PHE A 85 -27.31 -26.95 -26.72
N SER A 86 -26.52 -28.01 -26.63
CA SER A 86 -27.03 -29.31 -27.02
C SER A 86 -28.01 -29.79 -25.95
N SER A 87 -27.80 -29.43 -24.70
CA SER A 87 -28.81 -29.68 -23.69
C SER A 87 -30.05 -28.78 -23.74
N PRO A 88 -31.26 -29.35 -23.88
CA PRO A 88 -32.44 -28.48 -24.05
C PRO A 88 -32.83 -27.65 -22.84
N ILE A 89 -32.32 -27.96 -21.67
CA ILE A 89 -32.66 -27.13 -20.50
C ILE A 89 -31.92 -25.79 -20.52
N ALA A 90 -30.60 -25.84 -20.68
CA ALA A 90 -29.82 -24.64 -20.87
C ALA A 90 -30.33 -23.89 -22.13
N ASP A 91 -30.62 -24.62 -23.18
CA ASP A 91 -30.92 -23.95 -24.45
C ASP A 91 -32.18 -23.11 -24.47
N GLU A 92 -33.18 -23.56 -23.78
CA GLU A 92 -34.40 -22.80 -23.53
C GLU A 92 -34.11 -21.48 -22.86
N LYS A 93 -33.23 -21.48 -21.88
CA LYS A 93 -32.95 -20.25 -21.13
C LYS A 93 -32.21 -19.29 -22.03
N ARG A 94 -31.32 -19.83 -22.88
CA ARG A 94 -30.63 -19.00 -23.86
C ARG A 94 -31.67 -18.36 -24.78
N LYS A 95 -32.63 -19.14 -25.26
CA LYS A 95 -33.56 -18.63 -26.23
C LYS A 95 -34.45 -17.57 -25.67
N ASN A 96 -34.87 -17.75 -24.45
CA ASN A 96 -35.71 -16.78 -23.80
C ASN A 96 -35.01 -15.44 -23.63
N CYS A 97 -33.74 -15.52 -23.34
CA CYS A 97 -32.92 -14.33 -23.23
C CYS A 97 -32.82 -13.61 -24.59
N LEU A 98 -32.53 -14.36 -25.64
CA LEU A 98 -32.47 -13.76 -26.97
C LEU A 98 -33.81 -13.21 -27.43
N THR A 99 -34.90 -13.89 -27.12
CA THR A 99 -36.24 -13.44 -27.52
C THR A 99 -36.49 -12.08 -26.87
N LYS A 100 -36.13 -11.97 -25.60
CA LYS A 100 -36.44 -10.80 -24.85
C LYS A 100 -35.58 -9.64 -25.32
N PHE A 101 -34.26 -9.83 -25.44
CA PHE A 101 -33.34 -8.69 -25.70
C PHE A 101 -32.83 -8.48 -27.12
N VAL A 102 -32.96 -9.49 -27.98
CA VAL A 102 -32.60 -9.27 -29.36
C VAL A 102 -33.67 -9.45 -30.41
N ILE A 103 -34.71 -10.26 -30.19
CA ILE A 103 -35.72 -10.43 -31.17
C ILE A 103 -36.90 -9.49 -30.93
N GLN A 104 -37.44 -9.46 -29.73
CA GLN A 104 -38.71 -8.78 -29.49
C GLN A 104 -38.54 -7.36 -29.09
N ASP A 105 -37.35 -6.92 -28.80
CA ASP A 105 -37.19 -5.55 -28.42
C ASP A 105 -37.16 -4.63 -29.65
N GLU A 106 -38.06 -3.68 -29.66
CA GLU A 106 -38.24 -2.74 -30.78
C GLU A 106 -36.95 -1.95 -31.11
N ASN A 107 -36.12 -1.70 -30.10
CA ASN A 107 -34.93 -0.88 -30.29
C ASN A 107 -33.69 -1.73 -30.58
N LYS A 108 -33.85 -3.03 -30.73
CA LYS A 108 -32.70 -3.84 -31.09
C LYS A 108 -31.87 -3.04 -32.12
N ASN A 109 -30.58 -2.92 -31.87
CA ASN A 109 -29.80 -2.04 -32.71
C ASN A 109 -28.40 -2.69 -32.89
N SER A 110 -27.48 -1.89 -33.37
CA SER A 110 -26.21 -2.41 -33.73
C SER A 110 -25.34 -2.76 -32.52
N SER A 111 -25.68 -2.29 -31.35
CA SER A 111 -24.90 -2.61 -30.20
C SER A 111 -25.62 -3.47 -29.15
N THR A 112 -26.79 -3.98 -29.50
CA THR A 112 -27.50 -4.91 -28.71
C THR A 112 -26.68 -6.17 -28.38
N ILE A 113 -26.06 -6.77 -29.38
CA ILE A 113 -25.34 -8.04 -29.18
C ILE A 113 -24.14 -7.88 -28.27
N ALA A 114 -23.30 -6.92 -28.58
CA ALA A 114 -22.11 -6.65 -27.76
C ALA A 114 -22.50 -6.36 -26.34
N ASP A 115 -23.49 -5.50 -26.11
CA ASP A 115 -23.95 -5.27 -24.73
C ASP A 115 -24.49 -6.54 -24.01
N LEU A 116 -25.31 -7.34 -24.72
CA LEU A 116 -25.77 -8.57 -24.17
C LEU A 116 -24.55 -9.40 -23.85
N CYS A 117 -23.55 -9.49 -24.73
CA CYS A 117 -22.42 -10.41 -24.39
C CYS A 117 -21.62 -9.94 -23.20
N VAL A 118 -21.49 -8.65 -23.01
CA VAL A 118 -20.75 -8.16 -21.85
C VAL A 118 -21.52 -8.25 -20.55
N VAL A 119 -22.83 -8.04 -20.62
CA VAL A 119 -23.70 -8.26 -19.41
C VAL A 119 -23.62 -9.74 -18.99
N LEU A 120 -23.73 -10.64 -19.93
CA LEU A 120 -23.67 -12.11 -19.59
C LEU A 120 -22.26 -12.45 -19.02
N LYS A 121 -21.23 -11.84 -19.58
CA LYS A 121 -19.86 -12.11 -19.13
C LYS A 121 -19.65 -11.61 -17.74
N SER A 122 -20.12 -10.43 -17.47
CA SER A 122 -20.01 -9.91 -16.14
C SER A 122 -20.83 -10.77 -15.16
N ARG A 123 -22.01 -11.19 -15.56
CA ARG A 123 -22.85 -11.98 -14.75
C ARG A 123 -22.20 -13.36 -14.50
N GLU A 124 -21.60 -13.98 -15.52
CA GLU A 124 -21.08 -15.32 -15.31
C GLU A 124 -19.81 -15.29 -14.44
N ILE A 125 -19.03 -14.23 -14.53
CA ILE A 125 -17.90 -14.07 -13.63
C ILE A 125 -18.38 -14.18 -12.20
N LYS A 126 -19.47 -13.48 -11.86
CA LYS A 126 -20.00 -13.54 -10.52
C LYS A 126 -20.45 -14.92 -10.15
N LEU A 127 -21.13 -15.60 -11.07
CA LEU A 127 -21.62 -16.96 -10.85
C LEU A 127 -20.42 -17.88 -10.55
N GLN A 128 -19.31 -17.71 -11.26
CA GLN A 128 -18.15 -18.59 -11.06
C GLN A 128 -17.51 -18.32 -9.67
N ILE A 129 -17.46 -17.05 -9.26
CA ILE A 129 -17.01 -16.67 -7.93
C ILE A 129 -17.86 -17.32 -6.85
N LEU A 130 -19.16 -17.35 -7.08
CA LEU A 130 -20.09 -18.02 -6.19
C LEU A 130 -19.83 -19.53 -6.12
N LEU A 131 -19.81 -20.19 -7.26
CA LEU A 131 -19.46 -21.59 -7.27
C LEU A 131 -18.22 -21.85 -6.46
N LEU A 132 -17.20 -21.00 -6.65
CA LEU A 132 -15.90 -21.18 -5.97
C LEU A 132 -15.94 -21.00 -4.50
N LEU A 133 -16.57 -19.93 -4.07
CA LEU A 133 -16.76 -19.69 -2.66
C LEU A 133 -17.48 -20.87 -1.95
N GLU A 134 -18.47 -21.41 -2.62
CA GLU A 134 -19.23 -22.56 -2.12
C GLU A 134 -18.32 -23.76 -1.99
N ILE A 135 -17.49 -24.01 -2.99
CA ILE A 135 -16.59 -25.17 -2.96
C ILE A 135 -15.50 -24.96 -1.91
N ILE A 136 -15.04 -23.73 -1.77
CA ILE A 136 -14.04 -23.36 -0.78
C ILE A 136 -14.55 -23.63 0.60
N GLY A 137 -15.77 -23.22 0.87
CA GLY A 137 -16.37 -23.52 2.17
C GLY A 137 -16.52 -25.03 2.42
N LEU A 138 -16.90 -25.78 1.40
CA LEU A 138 -17.12 -27.21 1.58
C LEU A 138 -15.86 -27.92 1.90
N ASN A 139 -14.75 -27.48 1.34
CA ASN A 139 -13.48 -28.13 1.57
C ASN A 139 -12.64 -27.49 2.67
N ASP A 140 -13.26 -26.67 3.51
CA ASP A 140 -12.57 -26.02 4.64
C ASP A 140 -11.30 -25.28 4.24
N LEU A 141 -11.35 -24.60 3.08
CA LEU A 141 -10.16 -23.97 2.51
C LEU A 141 -10.05 -22.48 2.87
N ASP A 142 -10.96 -21.96 3.69
CA ASP A 142 -10.96 -20.54 3.97
C ASP A 142 -9.70 -20.02 4.62
N TRP A 143 -9.04 -20.84 5.41
CA TRP A 143 -7.85 -20.43 6.18
C TRP A 143 -6.77 -19.91 5.21
N ASN A 144 -6.70 -20.51 4.02
CA ASN A 144 -5.78 -20.01 2.99
C ASN A 144 -5.77 -18.53 2.72
N PHE A 145 -6.91 -17.88 2.93
CA PHE A 145 -7.07 -16.48 2.55
C PHE A 145 -6.59 -15.61 3.69
N ARG A 146 -6.14 -16.21 4.81
CA ARG A 146 -5.42 -15.44 5.88
C ARG A 146 -4.20 -14.64 5.35
N ASP A 147 -3.22 -15.34 4.77
CA ASP A 147 -2.08 -14.66 4.08
C ASP A 147 -1.83 -15.36 2.71
N PHE A 148 -2.46 -14.82 1.66
CA PHE A 148 -2.45 -15.40 0.30
C PHE A 148 -1.19 -14.99 -0.48
N ASP A 192 -6.49 -25.78 -8.34
CA ASP A 192 -6.39 -25.01 -7.11
C ASP A 192 -7.56 -23.95 -7.06
N TYR A 193 -8.55 -24.18 -6.21
CA TYR A 193 -9.73 -23.40 -6.20
C TYR A 193 -9.47 -21.97 -5.73
N CYS A 194 -8.48 -21.81 -4.87
CA CYS A 194 -8.14 -20.50 -4.32
C CYS A 194 -7.49 -19.66 -5.40
N GLU A 195 -6.67 -20.31 -6.21
CA GLU A 195 -6.00 -19.63 -7.32
C GLU A 195 -7.04 -19.25 -8.36
N GLN A 196 -8.02 -20.11 -8.52
CA GLN A 196 -9.05 -19.90 -9.49
C GLN A 196 -9.94 -18.70 -9.09
N LEU A 197 -10.28 -18.60 -7.81
CA LEU A 197 -11.02 -17.47 -7.30
C LEU A 197 -10.26 -16.18 -7.57
N ASP A 198 -9.00 -16.20 -7.29
CA ASP A 198 -8.14 -15.06 -7.51
C ASP A 198 -8.17 -14.59 -8.98
N LEU A 199 -8.01 -15.51 -9.93
CA LEU A 199 -8.06 -15.19 -11.32
C LEU A 199 -9.44 -14.61 -11.74
N TYR A 200 -10.53 -15.14 -11.22
CA TYR A 200 -11.82 -14.59 -11.56
C TYR A 200 -12.02 -13.19 -10.95
N LEU A 201 -11.48 -12.92 -9.78
CA LEU A 201 -11.52 -11.60 -9.25
C LEU A 201 -10.73 -10.65 -10.18
N ASP A 202 -9.60 -11.07 -10.73
CA ASP A 202 -8.87 -10.25 -11.69
C ASP A 202 -9.77 -9.91 -12.86
N ARG A 203 -10.43 -10.93 -13.43
CA ARG A 203 -11.29 -10.67 -14.55
C ARG A 203 -12.44 -9.72 -14.18
N ALA A 204 -12.99 -9.85 -12.97
CA ALA A 204 -14.09 -9.00 -12.56
C ALA A 204 -13.67 -7.54 -12.54
N CYS A 205 -12.61 -7.19 -11.86
CA CYS A 205 -12.28 -5.80 -11.83
C CYS A 205 -11.67 -5.27 -13.13
N ILE A 206 -10.97 -6.10 -13.92
CA ILE A 206 -10.56 -5.61 -15.24
C ILE A 206 -11.77 -5.33 -16.09
N LEU A 207 -12.76 -6.20 -16.09
CA LEU A 207 -13.96 -5.94 -16.90
C LEU A 207 -14.56 -4.59 -16.50
N ASP A 208 -14.67 -4.38 -15.21
CA ASP A 208 -15.24 -3.20 -14.63
C ASP A 208 -14.53 -1.96 -15.15
N ILE A 209 -13.19 -1.97 -15.09
CA ILE A 209 -12.37 -0.87 -15.54
C ILE A 209 -12.58 -0.67 -17.06
N LEU A 210 -12.60 -1.76 -17.82
CA LEU A 210 -12.80 -1.66 -19.28
C LEU A 210 -14.09 -0.92 -19.63
N LEU A 211 -15.13 -1.23 -18.94
CA LEU A 211 -16.37 -0.60 -19.20
C LEU A 211 -16.34 0.87 -18.78
N SER A 212 -15.75 1.12 -17.63
CA SER A 212 -15.61 2.45 -17.12
C SER A 212 -14.71 3.30 -18.00
N SER A 213 -13.80 2.70 -18.70
CA SER A 213 -12.93 3.46 -19.56
C SER A 213 -13.55 3.70 -20.93
N GLU A 214 -14.79 3.24 -21.15
CA GLU A 214 -15.48 3.39 -22.44
C GLU A 214 -16.67 4.35 -22.44
N THR A 215 -16.75 5.18 -23.50
CA THR A 215 -18.00 5.87 -24.01
C THR A 215 -17.64 6.50 -25.36
N GLY A 226 -32.62 0.27 -26.20
CA GLY A 226 -32.68 -1.14 -25.77
C GLY A 226 -32.65 -1.37 -24.26
N THR A 227 -33.38 -2.36 -23.74
CA THR A 227 -33.42 -2.55 -22.28
C THR A 227 -32.08 -3.20 -21.82
N ILE A 228 -31.42 -3.95 -22.70
CA ILE A 228 -30.11 -4.50 -22.35
C ILE A 228 -29.06 -3.39 -22.04
N GLN A 229 -29.22 -2.22 -22.64
CA GLN A 229 -28.36 -1.09 -22.38
C GLN A 229 -28.44 -0.61 -20.92
N GLU A 230 -29.62 -0.70 -20.32
CA GLU A 230 -29.79 -0.37 -18.88
C GLU A 230 -29.09 -1.40 -18.02
N HIS A 231 -29.16 -2.68 -18.38
CA HIS A 231 -28.50 -3.71 -17.60
C HIS A 231 -27.01 -3.48 -17.65
N LYS A 232 -26.50 -3.19 -18.82
CA LYS A 232 -25.09 -2.85 -18.98
C LYS A 232 -24.66 -1.68 -18.12
N LYS A 233 -25.45 -0.61 -18.11
CA LYS A 233 -25.11 0.54 -17.27
C LYS A 233 -25.21 0.19 -15.80
N ASN A 234 -26.10 -0.72 -15.40
CA ASN A 234 -26.16 -1.19 -13.99
C ASN A 234 -24.91 -1.84 -13.44
N ILE A 235 -24.06 -2.37 -14.31
CA ILE A 235 -22.80 -3.00 -13.90
C ILE A 235 -21.86 -2.05 -13.17
N LEU A 236 -21.97 -0.78 -13.48
CA LEU A 236 -21.15 0.24 -12.88
C LEU A 236 -21.89 1.12 -11.86
N ASP A 237 -23.10 0.76 -11.48
CA ASP A 237 -23.88 1.48 -10.50
C ASP A 237 -23.80 0.74 -9.19
N LYS A 238 -23.22 1.39 -8.21
CA LYS A 238 -22.99 0.80 -6.91
C LYS A 238 -24.23 0.39 -6.12
N SER A 239 -25.37 0.97 -6.46
CA SER A 239 -26.61 0.69 -5.78
C SER A 239 -27.24 -0.60 -6.31
N LYS A 240 -26.66 -1.20 -7.34
CA LYS A 240 -27.25 -2.37 -7.93
C LYS A 240 -26.41 -3.61 -7.64
N GLU A 241 -27.10 -4.73 -7.57
CA GLU A 241 -26.50 -6.04 -7.42
C GLU A 241 -25.60 -6.42 -8.59
N ALA A 242 -25.88 -5.88 -9.76
CA ALA A 242 -25.08 -6.12 -10.92
C ALA A 242 -23.65 -5.55 -10.80
N SER A 243 -23.41 -4.55 -9.95
CA SER A 243 -22.09 -3.99 -9.77
C SER A 243 -21.31 -4.83 -8.79
N LEU A 244 -19.99 -4.68 -8.77
CA LEU A 244 -19.19 -5.40 -7.83
C LEU A 244 -19.55 -4.97 -6.40
N VAL A 245 -19.71 -3.66 -6.16
CA VAL A 245 -20.05 -3.19 -4.81
C VAL A 245 -21.37 -3.81 -4.36
N GLY A 246 -22.35 -3.84 -5.25
CA GLY A 246 -23.63 -4.43 -4.92
C GLY A 246 -23.55 -5.94 -4.70
N PHE A 247 -22.75 -6.60 -5.52
CA PHE A 247 -22.55 -8.03 -5.43
C PHE A 247 -21.89 -8.33 -4.12
N ILE A 248 -20.93 -7.55 -3.71
CA ILE A 248 -20.41 -7.70 -2.35
C ILE A 248 -21.47 -7.46 -1.25
N ASN A 249 -22.21 -6.36 -1.32
CA ASN A 249 -23.06 -5.95 -0.19
C ASN A 249 -24.35 -6.76 -0.06
N TYR A 250 -24.90 -7.20 -1.18
CA TYR A 250 -26.17 -7.91 -1.19
C TYR A 250 -25.98 -9.41 -1.41
N VAL A 251 -24.80 -9.91 -1.76
CA VAL A 251 -24.68 -11.35 -1.86
C VAL A 251 -23.58 -11.93 -1.07
N LEU A 252 -22.40 -11.45 -1.30
CA LEU A 252 -21.24 -12.05 -0.68
C LEU A 252 -21.30 -11.92 0.84
N ILE A 253 -21.50 -10.73 1.35
CA ILE A 253 -21.44 -10.50 2.75
C ILE A 253 -22.60 -11.23 3.47
N PRO A 254 -23.85 -11.03 3.02
CA PRO A 254 -24.94 -11.71 3.72
C PRO A 254 -24.92 -13.22 3.66
N TYR A 255 -24.54 -13.83 2.54
CA TYR A 255 -24.62 -15.28 2.39
C TYR A 255 -23.31 -16.00 2.45
N PHE A 256 -22.18 -15.30 2.46
CA PHE A 256 -20.91 -16.01 2.56
C PHE A 256 -19.99 -15.59 3.70
N ASN A 257 -20.29 -14.48 4.38
CA ASN A 257 -19.38 -14.01 5.40
C ASN A 257 -19.34 -14.86 6.67
N LYS A 258 -20.39 -15.64 6.97
CA LYS A 258 -20.39 -16.47 8.18
C LYS A 258 -19.56 -17.73 8.03
N LYS A 259 -19.62 -18.37 6.87
CA LYS A 259 -18.64 -19.37 6.51
C LYS A 259 -17.75 -18.58 5.62
N VAL A 260 -16.59 -19.09 5.29
CA VAL A 260 -15.67 -18.32 4.38
C VAL A 260 -15.36 -16.77 4.58
N PRO A 261 -15.31 -16.28 5.83
CA PRO A 261 -15.04 -14.84 6.06
C PRO A 261 -13.70 -14.32 5.57
N HIS A 262 -12.71 -15.21 5.50
CA HIS A 262 -11.39 -14.78 5.04
C HIS A 262 -11.43 -14.61 3.54
N ALA A 263 -12.13 -15.49 2.83
CA ALA A 263 -12.30 -15.35 1.40
C ALA A 263 -13.06 -14.06 1.08
N VAL A 264 -14.07 -13.74 1.85
CA VAL A 264 -14.84 -12.55 1.60
C VAL A 264 -14.00 -11.32 1.78
N GLU A 265 -13.20 -11.31 2.83
CA GLU A 265 -12.31 -10.18 3.11
C GLU A 265 -11.30 -10.02 1.96
N PHE A 266 -10.80 -11.14 1.48
CA PHE A 266 -9.82 -11.15 0.43
C PHE A 266 -10.45 -10.56 -0.83
N ILE A 267 -11.69 -10.92 -1.09
CA ILE A 267 -12.40 -10.39 -2.22
C ILE A 267 -12.53 -8.87 -2.09
N ILE A 268 -12.85 -8.37 -0.92
CA ILE A 268 -13.05 -6.94 -0.74
C ILE A 268 -11.73 -6.20 -1.02
N GLN A 269 -10.61 -6.75 -0.55
CA GLN A 269 -9.27 -6.16 -0.76
C GLN A 269 -8.92 -6.18 -2.21
N LYS A 270 -9.09 -7.33 -2.85
CA LYS A 270 -8.74 -7.39 -4.21
C LYS A 270 -9.54 -6.36 -5.03
N LEU A 271 -10.84 -6.25 -4.82
CA LEU A 271 -11.70 -5.49 -5.72
C LEU A 271 -11.77 -3.98 -5.38
N LYS A 272 -11.63 -3.62 -4.13
CA LYS A 272 -11.81 -2.23 -3.70
C LYS A 272 -10.55 -2.06 -3.00
N GLY A 273 -10.19 -0.94 -2.51
CA GLY A 273 -8.86 -1.11 -1.79
C GLY A 273 -8.82 -1.85 -0.47
N PRO A 274 -7.80 -1.58 0.36
CA PRO A 274 -7.80 -1.71 1.83
C PRO A 274 -8.71 -0.71 2.58
N SER A 275 -9.16 0.33 1.88
CA SER A 275 -10.01 1.43 2.43
C SER A 275 -9.37 2.05 3.65
N TYR B 8 -7.63 26.02 -24.95
CA TYR B 8 -8.67 26.44 -23.96
C TYR B 8 -8.49 27.90 -23.55
N SER B 9 -9.36 28.77 -24.08
CA SER B 9 -9.26 30.21 -23.79
C SER B 9 -9.79 30.52 -22.39
N ASP B 10 -10.81 29.80 -21.96
CA ASP B 10 -11.39 30.01 -20.66
C ASP B 10 -10.40 29.46 -19.63
N PRO B 11 -9.90 30.33 -18.75
CA PRO B 11 -8.97 29.87 -17.77
C PRO B 11 -9.43 28.67 -16.94
N LYS B 12 -10.69 28.60 -16.52
CA LYS B 12 -11.19 27.48 -15.70
C LYS B 12 -11.03 26.16 -16.44
N GLU B 13 -11.31 26.13 -17.73
CA GLU B 13 -11.12 24.94 -18.52
C GLU B 13 -9.63 24.62 -18.75
N TYR B 14 -8.81 25.65 -18.82
CA TYR B 14 -7.38 25.49 -19.08
C TYR B 14 -6.72 24.81 -17.91
N ILE B 15 -6.91 25.33 -16.72
CA ILE B 15 -6.31 24.76 -15.55
C ILE B 15 -6.87 23.36 -15.28
N GLU B 16 -8.18 23.15 -15.44
CA GLU B 16 -8.74 21.79 -15.27
C GLU B 16 -8.00 20.80 -16.20
N SER B 17 -7.86 21.21 -17.44
CA SER B 17 -7.17 20.42 -18.41
C SER B 17 -5.72 20.16 -18.02
N LYS B 18 -5.02 21.16 -17.49
CA LYS B 18 -3.64 20.98 -17.17
C LYS B 18 -3.41 20.24 -15.86
N TYR B 19 -4.26 20.49 -14.86
CA TYR B 19 -4.14 19.74 -13.63
C TYR B 19 -4.33 18.23 -13.91
N TYR B 20 -5.43 17.88 -14.58
CA TYR B 20 -5.74 16.50 -14.84
C TYR B 20 -4.77 15.84 -15.86
N ASP B 21 -4.20 16.61 -16.77
CA ASP B 21 -3.13 16.08 -17.61
C ASP B 21 -1.90 15.80 -16.75
N ALA B 22 -1.59 16.71 -15.84
CA ALA B 22 -0.47 16.51 -14.99
C ALA B 22 -0.63 15.26 -14.12
N LEU B 23 -1.82 15.09 -13.56
CA LEU B 23 -2.12 14.00 -12.69
C LEU B 23 -2.12 12.70 -13.51
N PHE B 24 -2.95 12.59 -14.55
CA PHE B 24 -3.25 11.35 -15.21
C PHE B 24 -2.23 10.97 -16.27
N SER B 25 -1.42 11.93 -16.72
CA SER B 25 -0.26 11.58 -17.57
C SER B 25 0.41 10.95 -16.43
N ILE B 26 1.45 10.19 -16.49
CA ILE B 26 1.72 9.78 -14.96
C ILE B 26 3.12 10.28 -14.53
N HIS B 27 3.88 10.57 -15.57
CA HIS B 27 5.24 11.00 -15.43
C HIS B 27 5.65 12.09 -16.40
N THR B 28 4.73 12.95 -16.81
CA THR B 28 5.19 14.14 -17.47
C THR B 28 5.93 14.94 -16.41
N PRO B 29 7.18 15.36 -16.69
CA PRO B 29 7.96 16.18 -15.74
C PRO B 29 7.16 17.35 -15.23
N LEU B 30 7.08 17.48 -13.91
CA LEU B 30 6.23 18.50 -13.30
C LEU B 30 6.76 19.91 -13.64
N ALA B 31 7.99 20.05 -14.12
CA ALA B 31 8.40 21.37 -14.66
C ALA B 31 7.43 21.91 -15.71
N TYR B 32 6.77 21.03 -16.43
CA TYR B 32 5.85 21.50 -17.46
C TYR B 32 4.66 22.11 -16.73
N PHE B 33 4.09 21.42 -15.76
CA PHE B 33 2.98 21.96 -15.05
C PHE B 33 3.37 23.28 -14.44
N VAL B 34 4.52 23.38 -13.78
CA VAL B 34 4.77 24.61 -13.05
C VAL B 34 5.36 25.73 -13.87
N LYS B 35 6.28 25.48 -14.80
CA LYS B 35 6.88 26.58 -15.57
C LYS B 35 6.11 26.98 -16.80
N SER B 36 5.30 26.10 -17.30
CA SER B 36 4.51 26.39 -18.46
C SER B 36 3.04 26.57 -18.09
N ASN B 37 2.35 25.58 -17.52
CA ASN B 37 0.94 25.70 -17.27
C ASN B 37 0.57 26.79 -16.22
N LEU B 38 1.20 26.80 -15.06
CA LEU B 38 0.85 27.76 -14.06
C LEU B 38 1.20 29.19 -14.53
N VAL B 39 2.30 29.34 -15.26
CA VAL B 39 2.68 30.64 -15.75
C VAL B 39 1.67 31.12 -16.77
N ARG B 40 1.33 30.31 -17.77
CA ARG B 40 0.31 30.74 -18.73
C ARG B 40 -0.98 31.11 -18.05
N LEU B 41 -1.37 30.38 -17.02
CA LEU B 41 -2.60 30.63 -16.36
C LEU B 41 -2.54 32.02 -15.75
N LYS B 42 -1.40 32.34 -15.15
CA LYS B 42 -1.22 33.60 -14.47
C LYS B 42 -1.28 34.76 -15.50
N ASN B 43 -0.55 34.62 -16.61
CA ASN B 43 -0.60 35.55 -17.72
C ASN B 43 -2.04 35.78 -18.22
N THR B 44 -2.79 34.70 -18.41
CA THR B 44 -4.17 34.78 -18.90
C THR B 44 -5.01 35.54 -17.88
N CYS B 45 -4.78 35.35 -16.58
CA CYS B 45 -5.51 36.15 -15.61
C CYS B 45 -5.07 37.63 -15.65
N ARG B 46 -3.80 37.88 -15.82
CA ARG B 46 -3.30 39.25 -15.95
C ARG B 46 -4.09 39.96 -17.06
N THR B 47 -4.16 39.33 -18.23
CA THR B 47 -4.83 39.83 -19.44
C THR B 47 -6.36 39.97 -19.28
N LYS B 48 -6.97 39.02 -18.65
CA LYS B 48 -8.37 39.00 -18.55
C LYS B 48 -8.87 39.95 -17.52
N TYR B 49 -8.24 39.99 -16.35
CA TYR B 49 -8.76 40.68 -15.17
C TYR B 49 -8.02 41.93 -14.85
N GLY B 50 -6.90 42.16 -15.52
CA GLY B 50 -6.24 43.45 -15.42
C GLY B 50 -5.09 43.38 -14.46
N SER B 51 -4.08 44.20 -14.67
CA SER B 51 -2.99 44.21 -13.72
C SER B 51 -3.45 44.75 -12.36
N ASP B 52 -4.50 45.54 -12.39
CA ASP B 52 -5.32 45.78 -11.20
C ASP B 52 -5.52 44.55 -10.30
N SER B 53 -6.44 43.67 -10.68
CA SER B 53 -7.03 42.70 -9.77
C SER B 53 -6.85 41.23 -10.13
N TYR B 54 -5.80 40.88 -10.85
CA TYR B 54 -5.64 39.51 -11.28
C TYR B 54 -5.21 38.47 -10.25
N LYS B 55 -4.48 38.88 -9.25
CA LYS B 55 -4.01 37.96 -8.20
C LYS B 55 -5.15 37.23 -7.50
N ILE B 56 -6.23 37.92 -7.26
CA ILE B 56 -7.38 37.35 -6.62
C ILE B 56 -8.02 36.29 -7.52
N ALA B 57 -8.21 36.60 -8.79
CA ALA B 57 -8.77 35.61 -9.72
C ALA B 57 -7.84 34.42 -9.98
N TYR B 58 -6.53 34.66 -10.04
CA TYR B 58 -5.54 33.58 -10.20
C TYR B 58 -5.56 32.65 -8.99
N GLN B 59 -5.56 33.23 -7.80
CA GLN B 59 -5.77 32.45 -6.60
C GLN B 59 -7.01 31.57 -6.73
N ALA B 60 -8.12 32.15 -7.15
CA ALA B 60 -9.36 31.38 -7.18
C ALA B 60 -9.26 30.24 -8.16
N MET B 61 -8.52 30.44 -9.23
CA MET B 61 -8.32 29.43 -10.23
C MET B 61 -7.47 28.27 -9.67
N LEU B 62 -6.44 28.60 -8.92
CA LEU B 62 -5.64 27.58 -8.31
C LEU B 62 -6.45 26.72 -7.34
N GLN B 63 -7.18 27.44 -6.49
CA GLN B 63 -7.97 26.88 -5.46
C GLN B 63 -9.09 25.96 -5.97
N LYS B 64 -9.51 26.11 -7.21
CA LYS B 64 -10.53 25.22 -7.74
C LYS B 64 -10.19 23.75 -7.54
N PHE B 65 -8.90 23.36 -7.69
CA PHE B 65 -8.47 21.95 -7.57
C PHE B 65 -7.81 21.62 -6.26
N LEU B 66 -7.82 22.57 -5.34
CA LEU B 66 -7.23 22.36 -4.04
C LEU B 66 -8.21 21.52 -3.26
N LEU B 67 -7.70 20.47 -2.63
CA LEU B 67 -8.50 19.46 -2.00
C LEU B 67 -8.26 19.59 -0.53
N SER B 68 -9.31 19.73 0.25
CA SER B 68 -9.14 19.65 1.69
C SER B 68 -8.65 18.24 2.02
N ILE B 69 -7.95 18.12 3.14
CA ILE B 69 -7.59 16.79 3.67
C ILE B 69 -8.79 15.80 3.77
N VAL B 70 -9.98 16.28 4.15
CA VAL B 70 -11.10 15.33 4.23
C VAL B 70 -11.56 14.90 2.84
N GLN B 71 -11.52 15.82 1.87
CA GLN B 71 -11.90 15.47 0.50
C GLN B 71 -10.91 14.49 -0.07
N PHE B 72 -9.64 14.72 0.27
CA PHE B 72 -8.53 13.95 -0.27
C PHE B 72 -8.57 12.45 0.13
N LYS B 73 -8.78 12.25 1.43
CA LYS B 73 -9.02 10.94 2.00
C LYS B 73 -10.19 10.18 1.36
N ASP B 74 -11.28 10.84 1.16
CA ASP B 74 -12.40 10.21 0.47
C ASP B 74 -12.01 9.85 -0.97
N ARG B 75 -11.42 10.82 -1.69
CA ARG B 75 -11.01 10.65 -3.10
C ARG B 75 -10.12 9.40 -3.21
N HIS B 76 -9.20 9.22 -2.28
CA HIS B 76 -8.20 8.16 -2.44
C HIS B 76 -8.57 6.81 -1.74
N ASP B 77 -9.16 6.86 -0.55
CA ASP B 77 -9.56 5.63 0.10
C ASP B 77 -10.60 4.90 -0.74
N ASN B 78 -11.40 5.65 -1.49
CA ASN B 78 -12.50 5.07 -2.27
C ASN B 78 -12.23 5.04 -3.75
N ARG B 79 -11.01 5.37 -4.12
CA ARG B 79 -10.53 5.27 -5.48
C ARG B 79 -11.37 6.07 -6.43
N LEU B 80 -11.72 7.30 -6.04
CA LEU B 80 -12.70 8.07 -6.81
C LEU B 80 -12.15 8.48 -8.13
N LEU B 81 -10.83 8.51 -8.24
CA LEU B 81 -10.18 8.91 -9.50
C LEU B 81 -10.43 7.92 -10.61
N LEU B 82 -10.81 6.70 -10.27
CA LEU B 82 -11.20 5.69 -11.28
C LEU B 82 -12.64 5.87 -11.77
N GLU B 83 -13.43 6.68 -11.07
CA GLU B 83 -14.87 6.78 -11.35
C GLU B 83 -15.16 7.99 -12.23
N PRO B 84 -16.27 7.95 -13.00
CA PRO B 84 -16.58 9.05 -13.86
C PRO B 84 -16.62 10.41 -13.17
N PHE B 85 -16.00 11.38 -13.82
CA PHE B 85 -16.09 12.79 -13.45
C PHE B 85 -17.27 13.37 -14.20
N SER B 86 -17.98 14.29 -13.59
CA SER B 86 -19.12 14.90 -14.30
C SER B 86 -18.57 15.85 -15.37
N SER B 87 -17.43 16.45 -15.13
CA SER B 87 -16.79 17.32 -16.13
C SER B 87 -16.13 16.55 -17.23
N PRO B 88 -16.48 16.82 -18.48
CA PRO B 88 -15.95 15.95 -19.56
C PRO B 88 -14.48 16.13 -19.86
N ILE B 89 -13.84 17.22 -19.39
CA ILE B 89 -12.40 17.43 -19.60
C ILE B 89 -11.57 16.48 -18.71
N ALA B 90 -11.84 16.51 -17.40
CA ALA B 90 -11.22 15.57 -16.45
C ALA B 90 -11.57 14.12 -16.82
N ASP B 91 -12.82 13.87 -17.15
CA ASP B 91 -13.29 12.54 -17.43
C ASP B 91 -12.64 11.87 -18.59
N GLU B 92 -12.40 12.61 -19.64
CA GLU B 92 -11.66 12.12 -20.76
C GLU B 92 -10.21 11.71 -20.40
N LYS B 93 -9.56 12.45 -19.53
CA LYS B 93 -8.19 12.15 -19.17
C LYS B 93 -8.16 10.92 -18.31
N ARG B 94 -9.19 10.76 -17.48
CA ARG B 94 -9.31 9.54 -16.68
C ARG B 94 -9.35 8.38 -17.62
N LYS B 95 -10.20 8.42 -18.62
CA LYS B 95 -10.40 7.27 -19.46
C LYS B 95 -9.12 6.91 -20.17
N ASN B 96 -8.45 7.88 -20.69
CA ASN B 96 -7.24 7.61 -21.37
C ASN B 96 -6.14 7.03 -20.47
N CYS B 97 -6.09 7.44 -19.21
CA CYS B 97 -5.17 6.86 -18.27
C CYS B 97 -5.47 5.38 -18.05
N LEU B 98 -6.72 5.09 -17.83
CA LEU B 98 -7.15 3.71 -17.59
C LEU B 98 -6.87 2.85 -18.78
N THR B 99 -7.11 3.39 -19.99
CA THR B 99 -6.80 2.63 -21.20
C THR B 99 -5.30 2.34 -21.26
N LYS B 100 -4.51 3.33 -20.97
CA LYS B 100 -3.04 3.26 -21.21
C LYS B 100 -2.31 2.44 -20.14
N PHE B 101 -2.65 2.68 -18.88
CA PHE B 101 -1.95 2.05 -17.78
C PHE B 101 -2.64 0.80 -17.21
N VAL B 102 -3.91 0.52 -17.55
CA VAL B 102 -4.52 -0.76 -17.22
C VAL B 102 -4.91 -1.62 -18.40
N ILE B 103 -5.76 -1.15 -19.24
CA ILE B 103 -6.30 -2.03 -20.27
C ILE B 103 -5.22 -2.49 -21.24
N GLN B 104 -4.33 -1.59 -21.58
CA GLN B 104 -3.25 -1.93 -22.48
C GLN B 104 -2.09 -2.65 -21.83
N ASP B 105 -2.09 -2.80 -20.52
CA ASP B 105 -1.09 -3.65 -19.87
C ASP B 105 -1.38 -5.16 -20.11
N GLU B 106 -0.42 -5.86 -20.72
CA GLU B 106 -0.57 -7.27 -21.11
C GLU B 106 -0.71 -8.26 -19.87
N ASN B 107 -0.34 -7.83 -18.67
CA ASN B 107 -0.51 -8.62 -17.46
C ASN B 107 -1.50 -7.98 -16.49
N LYS B 108 -2.38 -7.18 -17.01
CA LYS B 108 -3.36 -6.57 -16.15
C LYS B 108 -4.09 -7.59 -15.20
N ASN B 109 -4.16 -7.20 -13.93
CA ASN B 109 -4.88 -7.87 -12.91
C ASN B 109 -5.28 -6.85 -11.86
N SER B 110 -5.77 -7.30 -10.73
CA SER B 110 -6.21 -6.35 -9.74
C SER B 110 -5.10 -5.48 -9.18
N SER B 111 -3.88 -5.92 -9.24
CA SER B 111 -2.82 -5.21 -8.55
C SER B 111 -2.30 -4.15 -9.49
N THR B 112 -2.57 -4.31 -10.79
CA THR B 112 -2.45 -3.18 -11.74
C THR B 112 -3.28 -1.97 -11.32
N ILE B 113 -4.51 -2.21 -10.92
CA ILE B 113 -5.42 -1.15 -10.49
C ILE B 113 -4.95 -0.50 -9.21
N ALA B 114 -4.61 -1.34 -8.26
CA ALA B 114 -4.09 -0.92 -6.96
C ALA B 114 -2.82 -0.12 -7.08
N ASP B 115 -1.90 -0.56 -7.90
CA ASP B 115 -0.68 0.21 -8.20
C ASP B 115 -1.02 1.55 -8.86
N LEU B 116 -1.92 1.55 -9.84
CA LEU B 116 -2.34 2.83 -10.45
C LEU B 116 -2.90 3.73 -9.34
N CYS B 117 -3.67 3.19 -8.41
CA CYS B 117 -4.27 4.09 -7.42
C CYS B 117 -3.19 4.68 -6.54
N VAL B 118 -2.14 3.93 -6.22
CA VAL B 118 -1.14 4.45 -5.28
C VAL B 118 -0.23 5.44 -6.02
N VAL B 119 0.06 5.18 -7.28
CA VAL B 119 0.82 6.13 -8.12
C VAL B 119 0.07 7.46 -8.23
N LEU B 120 -1.20 7.38 -8.54
CA LEU B 120 -2.01 8.58 -8.66
C LEU B 120 -2.10 9.31 -7.32
N LYS B 121 -2.20 8.57 -6.24
CA LYS B 121 -2.26 9.19 -4.89
C LYS B 121 -0.94 9.90 -4.58
N SER B 122 0.15 9.25 -4.89
CA SER B 122 1.43 9.87 -4.65
C SER B 122 1.61 11.10 -5.53
N ARG B 123 1.16 11.01 -6.77
CA ARG B 123 1.31 12.11 -7.67
C ARG B 123 0.43 13.26 -7.21
N GLU B 124 -0.79 12.97 -6.79
CA GLU B 124 -1.71 14.05 -6.52
C GLU B 124 -1.29 14.78 -5.26
N ILE B 125 -0.67 14.05 -4.33
CA ILE B 125 -0.12 14.71 -3.14
C ILE B 125 0.88 15.79 -3.57
N LYS B 126 1.74 15.49 -4.55
CA LYS B 126 2.71 16.51 -5.05
C LYS B 126 2.03 17.71 -5.69
N LEU B 127 1.00 17.46 -6.48
CA LEU B 127 0.21 18.49 -7.20
C LEU B 127 -0.43 19.40 -6.21
N GLN B 128 -0.95 18.86 -5.10
CA GLN B 128 -1.54 19.68 -4.04
C GLN B 128 -0.51 20.53 -3.32
N ILE B 129 0.67 19.97 -3.06
CA ILE B 129 1.77 20.74 -2.48
C ILE B 129 2.15 21.90 -3.39
N LEU B 130 2.19 21.64 -4.70
CA LEU B 130 2.53 22.66 -5.71
C LEU B 130 1.50 23.79 -5.78
N LEU B 131 0.23 23.44 -5.88
CA LEU B 131 -0.84 24.45 -5.68
C LEU B 131 -0.63 25.26 -4.40
N LEU B 132 -0.38 24.60 -3.29
CA LEU B 132 -0.26 25.30 -1.98
C LEU B 132 0.94 26.26 -1.92
N LEU B 133 2.08 25.80 -2.43
CA LEU B 133 3.27 26.64 -2.48
C LEU B 133 3.00 27.93 -3.33
N GLU B 134 2.34 27.74 -4.46
CA GLU B 134 1.95 28.81 -5.32
C GLU B 134 1.03 29.79 -4.60
N ILE B 135 0.05 29.30 -3.88
CA ILE B 135 -0.85 30.19 -3.17
C ILE B 135 -0.11 30.93 -2.06
N ILE B 136 0.78 30.21 -1.39
CA ILE B 136 1.58 30.77 -0.30
C ILE B 136 2.42 31.91 -0.81
N GLY B 137 3.07 31.70 -1.96
CA GLY B 137 3.87 32.75 -2.60
C GLY B 137 3.05 33.96 -3.05
N LEU B 138 1.85 33.70 -3.54
CA LEU B 138 0.99 34.75 -4.04
C LEU B 138 0.49 35.64 -2.88
N ASN B 139 0.28 35.07 -1.71
CA ASN B 139 -0.23 35.81 -0.58
C ASN B 139 0.87 36.25 0.38
N ASP B 140 2.14 36.23 -0.05
CA ASP B 140 3.28 36.64 0.80
C ASP B 140 3.26 35.97 2.21
N LEU B 141 2.92 34.66 2.23
CA LEU B 141 2.79 33.91 3.49
C LEU B 141 4.05 33.15 3.88
N ASP B 142 5.12 33.28 3.10
CA ASP B 142 6.32 32.50 3.34
C ASP B 142 6.95 32.76 4.71
N TRP B 143 6.84 33.97 5.20
CA TRP B 143 7.45 34.36 6.47
C TRP B 143 6.98 33.40 7.59
N ASN B 144 5.73 32.98 7.55
CA ASN B 144 5.24 31.96 8.51
C ASN B 144 6.11 30.75 8.76
N PHE B 145 6.92 30.36 7.78
CA PHE B 145 7.71 29.15 7.86
C PHE B 145 9.14 29.53 8.34
N ARG B 146 9.34 30.79 8.72
CA ARG B 146 10.57 31.27 9.38
C ARG B 146 10.48 30.92 10.86
N ASP B 192 -6.55 27.74 6.39
CA ASP B 192 -5.13 27.90 6.67
C ASP B 192 -4.17 27.12 5.69
N TYR B 193 -3.59 27.82 4.74
CA TYR B 193 -2.79 27.23 3.69
C TYR B 193 -1.49 26.64 4.21
N CYS B 194 -0.94 27.23 5.26
CA CYS B 194 0.29 26.72 5.88
C CYS B 194 0.04 25.40 6.64
N GLU B 195 -1.09 25.33 7.33
CA GLU B 195 -1.49 24.13 8.02
C GLU B 195 -1.77 23.02 7.00
N GLN B 196 -2.34 23.41 5.87
CA GLN B 196 -2.72 22.48 4.82
C GLN B 196 -1.49 21.88 4.18
N LEU B 197 -0.48 22.71 3.92
CA LEU B 197 0.81 22.25 3.42
C LEU B 197 1.45 21.23 4.36
N ASP B 198 1.43 21.54 5.64
CA ASP B 198 1.94 20.64 6.69
C ASP B 198 1.26 19.29 6.68
N LEU B 199 -0.07 19.26 6.61
CA LEU B 199 -0.82 18.01 6.54
C LEU B 199 -0.56 17.19 5.24
N TYR B 200 -0.38 17.84 4.09
CA TYR B 200 0.00 17.10 2.87
C TYR B 200 1.39 16.56 2.96
N LEU B 201 2.28 17.27 3.61
CA LEU B 201 3.61 16.70 3.82
C LEU B 201 3.50 15.43 4.69
N ASP B 202 2.67 15.45 5.73
CA ASP B 202 2.46 14.24 6.54
C ASP B 202 2.02 13.09 5.64
N ARG B 203 1.02 13.33 4.81
CA ARG B 203 0.54 12.27 3.93
C ARG B 203 1.63 11.78 2.95
N ALA B 204 2.45 12.69 2.48
CA ALA B 204 3.55 12.33 1.63
C ALA B 204 4.49 11.35 2.29
N CYS B 205 4.99 11.67 3.46
CA CYS B 205 5.93 10.76 4.04
C CYS B 205 5.30 9.48 4.59
N ILE B 206 4.06 9.54 5.07
CA ILE B 206 3.40 8.31 5.43
C ILE B 206 3.20 7.41 4.22
N LEU B 207 2.78 7.94 3.08
CA LEU B 207 2.66 7.08 1.87
C LEU B 207 4.01 6.43 1.53
N ASP B 208 5.08 7.22 1.64
CA ASP B 208 6.45 6.77 1.37
C ASP B 208 6.79 5.57 2.25
N ILE B 209 6.52 5.70 3.53
CA ILE B 209 6.82 4.66 4.52
C ILE B 209 6.01 3.39 4.24
N LEU B 210 4.72 3.55 3.96
CA LEU B 210 3.89 2.41 3.64
C LEU B 210 4.43 1.63 2.45
N LEU B 211 4.84 2.34 1.41
CA LEU B 211 5.40 1.69 0.26
C LEU B 211 6.68 0.95 0.58
N SER B 212 7.58 1.63 1.30
CA SER B 212 8.87 1.04 1.58
C SER B 212 8.71 -0.15 2.54
N SER B 213 7.63 -0.18 3.30
CA SER B 213 7.37 -1.30 4.21
C SER B 213 6.67 -2.47 3.50
N GLU B 214 6.40 -2.34 2.19
CA GLU B 214 5.80 -3.38 1.30
C GLU B 214 4.85 -4.42 1.94
N SER B 224 9.94 -4.33 -16.19
CA SER B 224 8.82 -4.05 -17.09
C SER B 224 8.80 -2.53 -17.51
N ASN B 225 8.48 -2.26 -18.78
CA ASN B 225 8.71 -0.94 -19.36
C ASN B 225 7.48 -0.03 -19.62
N GLY B 226 7.45 1.08 -18.93
CA GLY B 226 6.35 2.04 -19.02
C GLY B 226 5.12 1.55 -18.28
N THR B 227 5.27 0.31 -17.80
CA THR B 227 4.32 -0.34 -17.01
C THR B 227 4.04 0.45 -15.69
N ILE B 228 2.80 0.42 -15.25
CA ILE B 228 2.44 1.09 -13.98
C ILE B 228 3.25 0.60 -12.75
N GLN B 229 3.72 -0.66 -12.79
CA GLN B 229 4.63 -1.20 -11.79
C GLN B 229 5.93 -0.46 -11.67
N GLU B 230 6.50 -0.05 -12.81
CA GLU B 230 7.76 0.71 -12.81
C GLU B 230 7.51 2.09 -12.22
N HIS B 231 6.36 2.68 -12.53
CA HIS B 231 6.06 4.04 -12.01
C HIS B 231 5.94 3.96 -10.52
N LYS B 232 5.29 2.91 -10.07
CA LYS B 232 5.18 2.67 -8.63
C LYS B 232 6.56 2.51 -7.96
N LYS B 233 7.43 1.70 -8.54
CA LYS B 233 8.74 1.52 -7.94
C LYS B 233 9.57 2.82 -7.96
N ASN B 234 9.39 3.69 -8.97
CA ASN B 234 10.10 4.96 -9.00
C ASN B 234 9.81 5.85 -7.82
N ILE B 235 8.67 5.66 -7.14
CA ILE B 235 8.31 6.47 -6.02
C ILE B 235 9.33 6.36 -4.87
N LEU B 236 10.05 5.24 -4.82
CA LEU B 236 11.07 5.00 -3.79
C LEU B 236 12.48 5.18 -4.24
N ASP B 237 12.69 5.56 -5.48
CA ASP B 237 14.01 5.78 -6.01
C ASP B 237 14.32 7.30 -5.91
N LYS B 238 15.33 7.65 -5.13
CA LYS B 238 15.73 9.03 -4.85
C LYS B 238 16.15 9.81 -6.04
N SER B 239 16.56 9.11 -7.09
CA SER B 239 17.06 9.77 -8.29
C SER B 239 15.93 10.22 -9.19
N LYS B 240 14.70 9.88 -8.83
CA LYS B 240 13.53 10.14 -9.68
C LYS B 240 12.61 11.18 -9.05
N GLU B 241 12.00 11.90 -9.93
CA GLU B 241 11.05 12.93 -9.60
C GLU B 241 9.82 12.38 -8.90
N ALA B 242 9.54 11.11 -9.13
CA ALA B 242 8.43 10.43 -8.45
C ALA B 242 8.65 10.22 -6.98
N SER B 243 9.88 10.24 -6.52
CA SER B 243 10.15 10.14 -5.09
C SER B 243 10.04 11.48 -4.48
N LEU B 244 9.91 11.52 -3.18
CA LEU B 244 9.99 12.78 -2.44
C LEU B 244 11.29 13.51 -2.63
N VAL B 245 12.40 12.79 -2.52
CA VAL B 245 13.71 13.42 -2.59
C VAL B 245 13.87 14.00 -3.99
N GLY B 246 13.45 13.27 -5.01
CA GLY B 246 13.53 13.78 -6.38
C GLY B 246 12.63 14.97 -6.62
N PHE B 247 11.45 14.94 -6.02
CA PHE B 247 10.47 16.01 -6.16
C PHE B 247 11.03 17.24 -5.51
N ILE B 248 11.66 17.11 -4.37
CA ILE B 248 12.43 18.26 -3.83
C ILE B 248 13.56 18.78 -4.76
N ASN B 249 14.38 17.88 -5.29
CA ASN B 249 15.59 18.32 -6.00
C ASN B 249 15.29 18.83 -7.42
N TYR B 250 14.34 18.23 -8.09
CA TYR B 250 14.03 18.59 -9.47
C TYR B 250 12.88 19.55 -9.60
N VAL B 251 12.02 19.70 -8.58
CA VAL B 251 10.94 20.62 -8.77
C VAL B 251 10.83 21.72 -7.75
N LEU B 252 10.86 21.37 -6.49
CA LEU B 252 10.70 22.35 -5.43
C LEU B 252 11.83 23.31 -5.35
N ILE B 253 13.05 22.82 -5.31
CA ILE B 253 14.21 23.68 -5.21
C ILE B 253 14.38 24.54 -6.47
N PRO B 254 14.42 23.93 -7.68
CA PRO B 254 14.64 24.79 -8.86
C PRO B 254 13.55 25.84 -9.09
N TYR B 255 12.27 25.53 -8.88
CA TYR B 255 11.23 26.41 -9.27
C TYR B 255 10.56 27.15 -8.13
N PHE B 256 10.77 26.73 -6.90
CA PHE B 256 10.15 27.46 -5.79
C PHE B 256 11.10 28.09 -4.76
N ASN B 257 12.39 27.78 -4.81
CA ASN B 257 13.29 28.29 -3.78
C ASN B 257 13.53 29.83 -3.80
N LYS B 258 13.32 30.51 -4.93
CA LYS B 258 13.57 31.95 -5.05
C LYS B 258 12.42 32.72 -4.52
N LYS B 259 11.21 32.29 -4.77
CA LYS B 259 10.07 32.82 -4.02
C LYS B 259 9.89 31.74 -3.00
N VAL B 260 9.18 31.99 -1.94
CA VAL B 260 8.89 30.88 -1.01
C VAL B 260 10.04 29.98 -0.39
N PRO B 261 11.26 30.55 -0.18
CA PRO B 261 12.38 29.75 0.36
C PRO B 261 12.19 29.14 1.74
N HIS B 262 11.41 29.82 2.59
CA HIS B 262 11.21 29.32 3.96
C HIS B 262 10.28 28.11 3.90
N ALA B 263 9.27 28.15 3.04
CA ALA B 263 8.41 26.98 2.84
C ALA B 263 9.18 25.80 2.28
N VAL B 264 10.08 26.04 1.34
CA VAL B 264 10.89 24.98 0.80
C VAL B 264 11.75 24.35 1.88
N GLU B 265 12.38 25.17 2.71
CA GLU B 265 13.21 24.70 3.80
C GLU B 265 12.37 23.88 4.77
N PHE B 266 11.17 24.36 5.05
CA PHE B 266 10.29 23.66 5.96
C PHE B 266 9.92 22.27 5.39
N ILE B 267 9.70 22.23 4.10
CA ILE B 267 9.42 20.97 3.42
C ILE B 267 10.62 20.02 3.55
N ILE B 268 11.83 20.54 3.45
CA ILE B 268 12.99 19.67 3.52
C ILE B 268 13.11 19.06 4.93
N GLN B 269 12.89 19.88 5.95
CA GLN B 269 12.95 19.41 7.34
C GLN B 269 11.87 18.36 7.60
N LYS B 270 10.65 18.65 7.20
CA LYS B 270 9.59 17.73 7.46
C LYS B 270 9.78 16.35 6.78
N LEU B 271 10.24 16.35 5.53
CA LEU B 271 10.27 15.10 4.72
C LEU B 271 11.55 14.32 4.93
N LYS B 272 12.64 15.02 5.21
CA LYS B 272 13.97 14.40 5.23
C LYS B 272 14.60 14.48 6.60
N GLY B 273 14.23 15.47 7.40
CA GLY B 273 15.04 15.89 8.55
C GLY B 273 16.04 16.98 8.15
N LYS C 12 26.46 -15.82 12.28
CA LYS C 12 26.15 -16.20 10.88
C LYS C 12 25.00 -15.31 10.36
N GLU C 13 23.95 -15.94 9.84
CA GLU C 13 22.60 -15.37 9.70
C GLU C 13 21.98 -15.14 11.08
N TYR C 14 22.45 -15.90 12.07
CA TYR C 14 21.98 -15.77 13.44
C TYR C 14 22.25 -14.37 14.01
N ILE C 15 23.49 -13.93 13.95
CA ILE C 15 23.85 -12.64 14.54
C ILE C 15 23.18 -11.48 13.77
N GLU C 16 23.12 -11.59 12.44
CA GLU C 16 22.39 -10.61 11.61
C GLU C 16 20.94 -10.48 12.11
N SER C 17 20.32 -11.63 12.27
CA SER C 17 18.97 -11.72 12.80
C SER C 17 18.83 -11.13 14.21
N LYS C 18 19.80 -11.41 15.08
CA LYS C 18 19.72 -10.89 16.46
C LYS C 18 20.07 -9.42 16.60
N TYR C 19 21.09 -8.96 15.86
CA TYR C 19 21.42 -7.54 15.89
C TYR C 19 20.18 -6.70 15.45
N TYR C 20 19.61 -7.03 14.28
CA TYR C 20 18.49 -6.28 13.74
C TYR C 20 17.18 -6.45 14.52
N ASP C 21 16.99 -7.60 15.17
CA ASP C 21 15.87 -7.76 16.11
C ASP C 21 16.07 -6.87 17.30
N ALA C 22 17.29 -6.87 17.83
CA ALA C 22 17.57 -6.00 18.96
C ALA C 22 17.30 -4.52 18.59
N LEU C 23 17.76 -4.12 17.40
CA LEU C 23 17.64 -2.73 16.97
C LEU C 23 16.19 -2.34 16.68
N PHE C 24 15.53 -3.08 15.79
CA PHE C 24 14.23 -2.71 15.25
C PHE C 24 13.04 -3.04 16.14
N SER C 25 13.17 -4.01 17.05
CA SER C 25 12.08 -4.25 18.02
C SER C 25 12.53 -3.58 19.28
N ILE C 26 12.04 -2.36 19.48
CA ILE C 26 12.82 -1.34 20.21
C ILE C 26 12.68 -1.43 21.75
N HIS C 27 11.66 -2.17 22.17
CA HIS C 27 11.25 -2.34 23.58
C HIS C 27 11.81 -3.62 24.24
N THR C 28 12.75 -4.25 23.57
CA THR C 28 13.36 -5.48 24.07
C THR C 28 14.58 -5.21 24.96
N PRO C 29 14.59 -5.80 26.17
CA PRO C 29 15.75 -5.49 26.98
C PRO C 29 17.02 -5.92 26.28
N LEU C 30 17.96 -4.99 26.15
CA LEU C 30 19.28 -5.34 25.65
C LEU C 30 19.99 -6.48 26.42
N ALA C 31 19.59 -6.77 27.67
CA ALA C 31 20.09 -7.99 28.35
C ALA C 31 19.89 -9.28 27.55
N TYR C 32 18.80 -9.34 26.78
CA TYR C 32 18.54 -10.52 25.97
C TYR C 32 19.62 -10.58 24.86
N PHE C 33 19.89 -9.46 24.18
CA PHE C 33 20.94 -9.45 23.19
C PHE C 33 22.27 -9.89 23.80
N VAL C 34 22.62 -9.37 24.97
CA VAL C 34 23.96 -9.67 25.48
C VAL C 34 24.04 -11.01 26.23
N LYS C 35 23.09 -11.32 27.11
CA LYS C 35 23.20 -12.57 27.91
C LYS C 35 22.73 -13.80 27.15
N SER C 36 21.91 -13.62 26.12
CA SER C 36 21.41 -14.75 25.37
C SER C 36 22.01 -14.79 23.97
N ASN C 37 21.81 -13.77 23.14
CA ASN C 37 22.27 -13.83 21.75
C ASN C 37 23.80 -13.88 21.61
N LEU C 38 24.52 -12.98 22.27
CA LEU C 38 25.99 -12.98 22.15
C LEU C 38 26.57 -14.28 22.71
N VAL C 39 26.03 -14.76 23.83
CA VAL C 39 26.52 -15.98 24.43
C VAL C 39 26.28 -17.17 23.49
N ARG C 40 25.06 -17.32 22.99
CA ARG C 40 24.77 -18.40 22.05
C ARG C 40 25.67 -18.33 20.81
N LEU C 41 25.96 -17.12 20.32
CA LEU C 41 26.85 -16.96 19.15
C LEU C 41 28.24 -17.46 19.47
N LYS C 42 28.70 -17.15 20.67
CA LYS C 42 30.02 -17.54 21.07
C LYS C 42 30.08 -19.09 21.20
N ASN C 43 29.09 -19.69 21.86
CA ASN C 43 28.94 -21.17 21.95
C ASN C 43 28.93 -21.87 20.58
N THR C 44 28.20 -21.30 19.63
CA THR C 44 28.17 -21.80 18.27
C THR C 44 29.57 -21.71 17.61
N CYS C 45 30.33 -20.65 17.89
CA CYS C 45 31.72 -20.55 17.41
C CYS C 45 32.66 -21.53 18.17
N ARG C 46 32.37 -21.81 19.45
CA ARG C 46 33.11 -22.75 20.34
C ARG C 46 32.97 -24.23 19.96
N THR C 47 31.93 -24.60 19.21
CA THR C 47 31.81 -25.95 18.62
C THR C 47 31.81 -26.02 17.08
N LYS C 48 32.02 -24.90 16.36
CA LYS C 48 32.19 -24.83 14.88
C LYS C 48 33.66 -24.79 14.39
N TYR C 49 34.40 -23.78 14.84
CA TYR C 49 35.80 -23.56 14.41
C TYR C 49 36.79 -24.10 15.45
N GLY C 50 36.30 -24.48 16.62
CA GLY C 50 37.14 -25.11 17.62
C GLY C 50 37.59 -24.12 18.67
N SER C 51 37.87 -24.59 19.88
CA SER C 51 38.38 -23.73 20.96
C SER C 51 39.76 -23.16 20.63
N ASP C 52 40.47 -23.82 19.70
CA ASP C 52 41.67 -23.27 19.04
C ASP C 52 41.65 -21.74 18.75
N SER C 53 41.16 -21.36 17.56
CA SER C 53 41.24 -19.99 17.08
C SER C 53 39.83 -19.42 16.80
N TYR C 54 38.83 -19.81 17.60
CA TYR C 54 37.46 -19.29 17.40
C TYR C 54 37.23 -17.84 17.87
N LYS C 55 38.09 -17.36 18.78
CA LYS C 55 38.00 -15.99 19.25
C LYS C 55 38.14 -15.00 18.09
N ILE C 56 38.99 -15.31 17.15
CA ILE C 56 39.18 -14.52 15.95
C ILE C 56 37.90 -14.52 15.08
N ALA C 57 37.31 -15.70 14.85
CA ALA C 57 36.08 -15.79 14.06
C ALA C 57 34.88 -15.14 14.76
N TYR C 58 34.78 -15.30 16.09
CA TYR C 58 33.71 -14.65 16.88
C TYR C 58 33.82 -13.14 16.73
N GLN C 59 35.03 -12.61 16.93
CA GLN C 59 35.30 -11.19 16.71
C GLN C 59 34.88 -10.73 15.31
N ALA C 60 35.24 -11.48 14.27
CA ALA C 60 34.88 -11.07 12.91
C ALA C 60 33.37 -11.03 12.74
N MET C 61 32.67 -11.92 13.44
CA MET C 61 31.21 -12.00 13.38
C MET C 61 30.60 -10.72 13.96
N LEU C 62 31.12 -10.27 15.09
CA LEU C 62 30.66 -9.05 15.76
C LEU C 62 30.96 -7.79 14.96
N GLN C 63 32.18 -7.75 14.45
CA GLN C 63 32.68 -6.61 13.72
C GLN C 63 31.89 -6.31 12.43
N LYS C 64 31.22 -7.32 11.89
CA LYS C 64 30.38 -7.11 10.72
C LYS C 64 29.37 -5.97 10.92
N PHE C 65 28.83 -5.83 12.14
CA PHE C 65 27.80 -4.83 12.44
C PHE C 65 28.36 -3.58 13.09
N LEU C 66 29.67 -3.54 13.26
CA LEU C 66 30.32 -2.42 13.89
C LEU C 66 30.40 -1.32 12.87
N LEU C 67 30.07 -0.11 13.30
CA LEU C 67 29.97 1.01 12.41
C LEU C 67 31.05 1.99 12.81
N SER C 68 31.89 2.38 11.88
CA SER C 68 32.76 3.52 12.09
C SER C 68 31.86 4.74 12.33
N ILE C 69 32.37 5.72 13.07
CA ILE C 69 31.69 7.01 13.23
C ILE C 69 31.26 7.62 11.88
N VAL C 70 32.08 7.51 10.83
CA VAL C 70 31.71 8.08 9.55
C VAL C 70 30.52 7.32 8.94
N GLN C 71 30.50 5.99 9.09
CA GLN C 71 29.39 5.19 8.56
C GLN C 71 28.10 5.47 9.34
N PHE C 72 28.26 5.65 10.66
CA PHE C 72 27.15 5.86 11.57
C PHE C 72 26.40 7.18 11.29
N LYS C 73 27.18 8.25 11.12
CA LYS C 73 26.69 9.58 10.74
C LYS C 73 25.91 9.55 9.41
N ASP C 74 26.42 8.84 8.41
CA ASP C 74 25.71 8.70 7.15
C ASP C 74 24.40 7.93 7.37
N ARG C 75 24.50 6.80 8.08
CA ARG C 75 23.35 5.93 8.39
C ARG C 75 22.22 6.74 9.05
N HIS C 76 22.58 7.62 9.98
CA HIS C 76 21.54 8.33 10.75
C HIS C 76 21.14 9.71 10.24
N ASP C 77 22.10 10.50 9.77
CA ASP C 77 21.73 11.80 9.22
C ASP C 77 20.83 11.64 8.00
N ASN C 78 21.03 10.56 7.24
CA ASN C 78 20.24 10.30 6.02
C ASN C 78 19.15 9.24 6.20
N ARG C 79 18.92 8.82 7.46
CA ARG C 79 17.82 7.94 7.82
C ARG C 79 17.87 6.64 7.01
N LEU C 80 19.07 6.05 6.90
CA LEU C 80 19.25 4.88 6.04
C LEU C 80 18.53 3.66 6.58
N LEU C 81 18.27 3.66 7.88
CA LEU C 81 17.55 2.56 8.51
C LEU C 81 16.11 2.40 8.02
N LEU C 82 15.54 3.46 7.45
CA LEU C 82 14.23 3.39 6.81
C LEU C 82 14.25 2.76 5.42
N GLU C 83 15.43 2.68 4.82
CA GLU C 83 15.54 2.31 3.42
C GLU C 83 15.84 0.84 3.27
N PRO C 84 15.48 0.23 2.10
CA PRO C 84 15.65 -1.21 1.95
C PRO C 84 17.08 -1.69 2.16
N PHE C 85 17.23 -2.78 2.90
CA PHE C 85 18.50 -3.49 3.04
C PHE C 85 18.58 -4.51 1.94
N SER C 86 19.76 -4.76 1.43
CA SER C 86 19.90 -5.80 0.39
C SER C 86 19.71 -7.18 1.01
N SER C 87 20.13 -7.35 2.26
CA SER C 87 19.94 -8.60 2.98
C SER C 87 18.49 -8.80 3.45
N PRO C 88 17.84 -9.89 3.05
CA PRO C 88 16.41 -10.01 3.40
C PRO C 88 16.08 -10.19 4.88
N ILE C 89 17.06 -10.62 5.69
CA ILE C 89 16.84 -10.83 7.12
C ILE C 89 16.68 -9.48 7.83
N ALA C 90 17.65 -8.59 7.62
CA ALA C 90 17.58 -7.22 8.13
C ALA C 90 16.37 -6.51 7.55
N ASP C 91 16.15 -6.68 6.25
CA ASP C 91 15.10 -5.95 5.57
C ASP C 91 13.71 -6.25 6.08
N GLU C 92 13.47 -7.53 6.39
CA GLU C 92 12.20 -7.97 6.98
C GLU C 92 11.96 -7.30 8.32
N LYS C 93 13.02 -7.14 9.11
CA LYS C 93 12.86 -6.54 10.42
C LYS C 93 12.60 -5.07 10.32
N ARG C 94 13.24 -4.42 9.34
CA ARG C 94 12.93 -3.04 9.05
C ARG C 94 11.45 -2.88 8.73
N LYS C 95 10.92 -3.72 7.84
CA LYS C 95 9.52 -3.57 7.41
C LYS C 95 8.55 -3.75 8.56
N ASN C 96 8.81 -4.74 9.40
CA ASN C 96 7.97 -4.96 10.57
C ASN C 96 7.97 -3.77 11.51
N CYS C 97 9.14 -3.18 11.70
CA CYS C 97 9.25 -2.02 12.54
C CYS C 97 8.43 -0.82 12.03
N LEU C 98 8.59 -0.51 10.75
CA LEU C 98 7.81 0.52 10.08
C LEU C 98 6.30 0.25 10.19
N THR C 99 5.89 -1.01 9.99
CA THR C 99 4.47 -1.36 10.07
C THR C 99 3.95 -1.14 11.51
N LYS C 100 4.71 -1.62 12.48
CA LYS C 100 4.28 -1.63 13.85
C LYS C 100 4.33 -0.21 14.46
N PHE C 101 5.41 0.53 14.25
CA PHE C 101 5.60 1.82 14.90
C PHE C 101 5.23 3.06 14.09
N VAL C 102 5.04 2.93 12.77
CA VAL C 102 4.47 4.04 11.99
C VAL C 102 3.08 3.78 11.40
N ILE C 103 2.95 2.73 10.61
CA ILE C 103 1.71 2.53 9.88
C ILE C 103 0.58 2.23 10.84
N GLN C 104 0.87 1.48 11.88
CA GLN C 104 -0.17 1.11 12.82
C GLN C 104 -0.44 2.17 13.88
N ASP C 105 0.31 3.25 13.92
CA ASP C 105 0.00 4.38 14.80
C ASP C 105 -1.21 5.23 14.32
N GLU C 106 -2.19 5.40 15.23
CA GLU C 106 -3.44 6.11 14.95
C GLU C 106 -3.23 7.56 14.47
N ASN C 107 -2.19 8.21 14.96
CA ASN C 107 -1.95 9.64 14.72
C ASN C 107 -0.64 9.84 13.92
N LYS C 108 -0.27 8.82 13.15
CA LYS C 108 0.92 8.88 12.30
C LYS C 108 0.95 10.20 11.47
N ASN C 109 2.12 10.82 11.50
CA ASN C 109 2.48 11.97 10.69
C ASN C 109 4.01 11.99 10.54
N SER C 110 4.57 13.10 10.09
CA SER C 110 6.01 13.14 9.84
C SER C 110 6.83 13.10 11.14
N SER C 111 6.24 13.49 12.26
CA SER C 111 6.99 13.49 13.50
C SER C 111 7.02 12.07 14.11
N THR C 112 6.09 11.21 13.72
CA THR C 112 6.18 9.77 14.00
C THR C 112 7.46 9.18 13.40
N ILE C 113 7.77 9.58 12.16
CA ILE C 113 8.99 9.15 11.46
C ILE C 113 10.28 9.70 12.09
N ALA C 114 10.23 10.99 12.38
CA ALA C 114 11.32 11.68 13.10
C ALA C 114 11.56 11.06 14.49
N ASP C 115 10.51 10.80 15.27
CA ASP C 115 10.67 10.09 16.57
C ASP C 115 11.23 8.67 16.39
N LEU C 116 10.71 7.92 15.41
CA LEU C 116 11.26 6.60 15.16
C LEU C 116 12.76 6.74 14.87
N CYS C 117 13.15 7.72 14.06
CA CYS C 117 14.55 7.78 13.70
C CYS C 117 15.42 8.10 14.90
N VAL C 118 14.93 8.92 15.81
CA VAL C 118 15.75 9.25 16.96
C VAL C 118 15.81 8.06 17.96
N VAL C 119 14.70 7.34 18.11
CA VAL C 119 14.67 6.13 18.97
C VAL C 119 15.65 5.08 18.41
N LEU C 120 15.59 4.85 17.13
CA LEU C 120 16.50 3.91 16.49
C LEU C 120 17.98 4.36 16.66
N LYS C 121 18.22 5.66 16.50
CA LYS C 121 19.56 6.19 16.63
C LYS C 121 20.06 6.00 18.07
N SER C 122 19.19 6.30 19.03
CA SER C 122 19.58 6.12 20.41
C SER C 122 19.86 4.65 20.73
N ARG C 123 19.01 3.78 20.20
CA ARG C 123 19.17 2.36 20.42
C ARG C 123 20.43 1.80 19.76
N GLU C 124 20.74 2.26 18.55
CA GLU C 124 21.87 1.71 17.84
C GLU C 124 23.17 2.17 18.46
N ILE C 125 23.19 3.39 19.01
CA ILE C 125 24.37 3.85 19.75
C ILE C 125 24.69 2.84 20.83
N LYS C 126 23.68 2.38 21.57
CA LYS C 126 23.90 1.43 22.66
C LYS C 126 24.41 0.09 22.17
N LEU C 127 23.80 -0.40 21.09
CA LEU C 127 24.22 -1.64 20.45
C LEU C 127 25.70 -1.57 20.05
N GLN C 128 26.14 -0.43 19.51
CA GLN C 128 27.54 -0.26 19.10
C GLN C 128 28.47 -0.28 20.31
N ILE C 129 28.08 0.41 21.38
CA ILE C 129 28.84 0.40 22.63
C ILE C 129 28.99 -1.05 23.17
N LEU C 130 27.92 -1.83 23.10
CA LEU C 130 27.92 -3.23 23.48
C LEU C 130 28.88 -4.10 22.64
N LEU C 131 28.74 -4.02 21.32
CA LEU C 131 29.72 -4.64 20.44
C LEU C 131 31.15 -4.29 20.86
N LEU C 132 31.41 -3.00 21.08
CA LEU C 132 32.75 -2.51 21.39
C LEU C 132 33.28 -3.04 22.74
N LEU C 133 32.44 -3.00 23.76
CA LEU C 133 32.81 -3.56 25.06
C LEU C 133 33.13 -5.07 25.00
N GLU C 134 32.32 -5.81 24.24
CA GLU C 134 32.53 -7.21 23.99
C GLU C 134 33.88 -7.45 23.30
N ILE C 135 34.18 -6.67 22.26
CA ILE C 135 35.45 -6.83 21.54
C ILE C 135 36.62 -6.47 22.44
N ILE C 136 36.45 -5.40 23.22
CA ILE C 136 37.45 -4.92 24.16
C ILE C 136 37.80 -6.02 25.18
N GLY C 137 36.78 -6.64 25.75
CA GLY C 137 36.97 -7.74 26.68
C GLY C 137 37.61 -8.95 26.06
N LEU C 138 37.25 -9.25 24.81
CA LEU C 138 37.77 -10.42 24.11
C LEU C 138 39.26 -10.26 23.83
N ASN C 139 39.71 -9.02 23.55
CA ASN C 139 41.11 -8.76 23.21
C ASN C 139 41.96 -8.24 24.38
N ASP C 140 41.50 -8.41 25.62
CA ASP C 140 42.29 -7.99 26.81
C ASP C 140 42.68 -6.50 26.74
N LEU C 141 41.81 -5.65 26.21
CA LEU C 141 42.15 -4.22 25.99
C LEU C 141 41.70 -3.30 27.15
N ASP C 142 41.12 -3.87 28.21
CA ASP C 142 40.55 -3.05 29.27
C ASP C 142 41.57 -2.16 29.96
N TRP C 143 42.82 -2.63 30.04
CA TRP C 143 43.90 -1.89 30.73
C TRP C 143 44.05 -0.48 30.18
N ASN C 144 43.85 -0.32 28.87
CA ASN C 144 43.81 1.03 28.26
C ASN C 144 42.97 2.11 28.98
N PHE C 145 41.89 1.71 29.67
CA PHE C 145 40.94 2.67 30.30
C PHE C 145 41.22 2.96 31.77
N ASP C 192 40.18 1.53 15.73
CA ASP C 192 41.01 1.75 16.92
C ASP C 192 40.44 1.05 18.19
N TYR C 193 39.14 0.79 18.18
CA TYR C 193 38.29 0.24 19.31
C TYR C 193 38.07 1.07 20.58
N CYS C 194 39.14 1.43 21.28
CA CYS C 194 39.04 2.27 22.48
C CYS C 194 38.64 3.71 22.10
N GLU C 195 39.22 4.21 21.02
CA GLU C 195 38.89 5.53 20.48
C GLU C 195 37.45 5.52 20.00
N GLN C 196 37.05 4.40 19.42
CA GLN C 196 35.72 4.26 18.88
C GLN C 196 34.67 4.29 19.98
N LEU C 197 34.95 3.57 21.08
CA LEU C 197 34.05 3.58 22.22
C LEU C 197 33.87 5.01 22.74
N ASP C 198 34.98 5.72 22.87
CA ASP C 198 34.98 7.13 23.30
C ASP C 198 34.05 7.99 22.44
N LEU C 199 34.18 7.89 21.13
CA LEU C 199 33.37 8.71 20.23
C LEU C 199 31.87 8.33 20.29
N TYR C 200 31.54 7.04 20.50
CA TYR C 200 30.13 6.66 20.66
C TYR C 200 29.57 7.20 21.95
N LEU C 201 30.39 7.26 22.99
CA LEU C 201 29.93 7.86 24.22
C LEU C 201 29.63 9.37 24.02
N ASP C 202 30.44 10.06 23.22
CA ASP C 202 30.13 11.45 22.85
C ASP C 202 28.77 11.53 22.17
N ARG C 203 28.53 10.67 21.19
CA ARG C 203 27.24 10.71 20.50
C ARG C 203 26.07 10.40 21.44
N ALA C 204 26.28 9.50 22.39
CA ALA C 204 25.23 9.19 23.36
C ALA C 204 24.83 10.45 24.15
N CYS C 205 25.79 11.15 24.73
CA CYS C 205 25.44 12.38 25.46
C CYS C 205 24.89 13.49 24.57
N ILE C 206 25.47 13.68 23.39
CA ILE C 206 24.98 14.68 22.44
C ILE C 206 23.53 14.43 22.13
N LEU C 207 23.18 13.17 21.87
CA LEU C 207 21.79 12.87 21.61
C LEU C 207 20.95 13.20 22.83
N ASP C 208 21.44 12.81 24.00
CA ASP C 208 20.79 13.08 25.26
C ASP C 208 20.53 14.56 25.45
N ILE C 209 21.54 15.38 25.19
CA ILE C 209 21.43 16.83 25.31
C ILE C 209 20.37 17.39 24.34
N LEU C 210 20.42 16.95 23.07
CA LEU C 210 19.44 17.40 22.06
C LEU C 210 17.98 17.09 22.49
N LEU C 211 17.77 15.89 23.03
CA LEU C 211 16.43 15.43 23.45
C LEU C 211 15.96 16.14 24.72
N SER C 212 16.91 16.46 25.59
CA SER C 212 16.61 17.21 26.77
C SER C 212 16.25 18.67 26.46
N SER C 213 16.88 19.27 25.45
CA SER C 213 16.56 20.67 25.07
C SER C 213 15.41 20.87 24.07
N GLU C 214 14.42 19.98 24.08
CA GLU C 214 13.15 20.19 23.36
C GLU C 214 12.01 20.17 24.37
N THR C 215 10.82 20.62 23.98
CA THR C 215 9.75 20.81 24.93
C THR C 215 8.37 20.67 24.27
N GLY C 226 1.96 1.00 23.26
CA GLY C 226 3.39 1.29 23.19
C GLY C 226 3.82 2.01 21.89
N THR C 227 3.22 3.19 21.70
CA THR C 227 3.50 4.08 20.57
C THR C 227 4.95 4.61 20.62
N ILE C 228 5.44 5.02 19.45
CA ILE C 228 6.82 5.47 19.32
C ILE C 228 7.15 6.72 20.16
N GLN C 229 6.17 7.56 20.43
CA GLN C 229 6.35 8.72 21.31
C GLN C 229 6.70 8.32 22.74
N GLU C 230 6.13 7.22 23.23
CA GLU C 230 6.47 6.70 24.59
C GLU C 230 7.90 6.16 24.61
N HIS C 231 8.32 5.48 23.55
CA HIS C 231 9.67 4.96 23.50
C HIS C 231 10.66 6.10 23.46
N LYS C 232 10.33 7.13 22.69
CA LYS C 232 11.12 8.34 22.70
C LYS C 232 11.22 8.96 24.10
N LYS C 233 10.09 9.09 24.79
CA LYS C 233 10.09 9.68 26.12
C LYS C 233 10.89 8.82 27.15
N ASN C 234 10.88 7.50 26.99
CA ASN C 234 11.70 6.63 27.85
C ASN C 234 13.19 6.91 27.82
N ILE C 235 13.67 7.51 26.73
CA ILE C 235 15.09 7.79 26.57
C ILE C 235 15.60 8.75 27.63
N LEU C 236 14.69 9.57 28.17
CA LEU C 236 15.01 10.58 29.18
C LEU C 236 14.55 10.21 30.59
N ASP C 237 14.05 8.98 30.76
CA ASP C 237 13.60 8.49 32.05
C ASP C 237 14.70 7.59 32.62
N LYS C 238 15.31 8.04 33.71
CA LYS C 238 16.44 7.37 34.34
C LYS C 238 16.13 5.97 34.88
N SER C 239 14.85 5.67 35.09
CA SER C 239 14.42 4.36 35.58
C SER C 239 14.35 3.32 34.45
N LYS C 240 14.51 3.76 33.21
CA LYS C 240 14.33 2.88 32.05
C LYS C 240 15.62 2.59 31.38
N GLU C 241 15.67 1.38 30.84
CA GLU C 241 16.84 0.88 30.14
C GLU C 241 17.15 1.71 28.89
N ALA C 242 16.13 2.34 28.33
CA ALA C 242 16.30 3.22 27.16
C ALA C 242 17.13 4.48 27.45
N SER C 243 17.22 4.91 28.71
CA SER C 243 18.05 6.06 29.06
C SER C 243 19.49 5.62 29.20
N LEU C 244 20.42 6.59 29.14
CA LEU C 244 21.83 6.30 29.43
C LEU C 244 22.02 5.74 30.84
N VAL C 245 21.41 6.39 31.84
CA VAL C 245 21.57 5.96 33.21
C VAL C 245 21.04 4.53 33.35
N GLY C 246 19.87 4.24 32.76
CA GLY C 246 19.29 2.88 32.84
C GLY C 246 20.16 1.85 32.13
N PHE C 247 20.72 2.25 31.00
CA PHE C 247 21.57 1.39 30.22
C PHE C 247 22.82 1.09 31.03
N ILE C 248 23.38 2.09 31.67
CA ILE C 248 24.45 1.79 32.62
C ILE C 248 24.04 0.84 33.78
N ASN C 249 22.91 1.12 34.45
CA ASN C 249 22.57 0.38 35.66
C ASN C 249 22.04 -1.04 35.39
N TYR C 250 21.31 -1.22 34.30
CA TYR C 250 20.69 -2.51 33.99
C TYR C 250 21.41 -3.30 32.91
N VAL C 251 22.34 -2.71 32.16
CA VAL C 251 23.10 -3.57 31.21
C VAL C 251 24.63 -3.50 31.33
N LEU C 252 25.19 -2.31 31.37
CA LEU C 252 26.64 -2.19 31.45
C LEU C 252 27.23 -2.70 32.76
N ILE C 253 26.70 -2.25 33.90
CA ILE C 253 27.23 -2.67 35.16
C ILE C 253 27.00 -4.18 35.36
N PRO C 254 25.76 -4.67 35.19
CA PRO C 254 25.57 -6.11 35.50
C PRO C 254 26.32 -7.08 34.57
N TYR C 255 26.42 -6.76 33.28
CA TYR C 255 27.00 -7.70 32.32
C TYR C 255 28.42 -7.39 31.94
N PHE C 256 28.90 -6.19 32.25
CA PHE C 256 30.26 -5.88 31.82
C PHE C 256 31.24 -5.41 32.89
N ASN C 257 30.76 -5.14 34.10
CA ASN C 257 31.64 -4.63 35.16
C ASN C 257 32.72 -5.59 35.68
N LYS C 258 32.53 -6.90 35.58
CA LYS C 258 33.54 -7.82 36.09
C LYS C 258 34.65 -8.09 35.06
N LYS C 259 34.25 -8.22 33.80
CA LYS C 259 35.10 -8.39 32.60
C LYS C 259 35.98 -7.22 32.14
N VAL C 260 35.37 -6.05 31.99
CA VAL C 260 36.01 -4.80 31.46
C VAL C 260 35.72 -3.65 32.47
N PRO C 261 36.08 -3.81 33.78
CA PRO C 261 35.72 -2.78 34.78
C PRO C 261 36.26 -1.39 34.54
N HIS C 262 37.41 -1.30 33.87
CA HIS C 262 38.04 0.00 33.60
C HIS C 262 37.25 0.70 32.48
N ALA C 263 36.81 -0.06 31.48
CA ALA C 263 35.96 0.52 30.43
C ALA C 263 34.63 1.01 30.99
N VAL C 264 34.05 0.23 31.92
CA VAL C 264 32.79 0.62 32.50
C VAL C 264 32.92 1.90 33.29
N GLU C 265 33.98 2.00 34.09
CA GLU C 265 34.27 3.20 34.90
C GLU C 265 34.45 4.42 33.97
N PHE C 266 35.18 4.21 32.88
CA PHE C 266 35.40 5.26 31.93
C PHE C 266 34.06 5.73 31.31
N ILE C 267 33.19 4.78 30.99
CA ILE C 267 31.84 5.11 30.51
C ILE C 267 31.06 5.95 31.52
N ILE C 268 31.15 5.60 32.80
CA ILE C 268 30.40 6.33 33.80
C ILE C 268 30.88 7.77 33.87
N GLN C 269 32.20 7.98 33.84
CA GLN C 269 32.77 9.32 33.90
C GLN C 269 32.35 10.11 32.65
N LYS C 270 32.50 9.49 31.49
CA LYS C 270 32.13 10.14 30.24
C LYS C 270 30.69 10.66 30.20
N LEU C 271 29.76 9.84 30.67
CA LEU C 271 28.32 10.10 30.48
C LEU C 271 27.71 11.15 31.43
N LYS C 272 28.55 11.98 32.05
CA LYS C 272 28.09 13.13 32.86
C LYS C 272 28.42 14.45 32.18
#